data_8QLW
#
_entry.id   8QLW
#
_cell.length_a   57.100
_cell.length_b   57.100
_cell.length_c   200.340
_cell.angle_alpha   90.000
_cell.angle_beta   90.000
_cell.angle_gamma   120.000
#
_symmetry.space_group_name_H-M   'P 65 2 2'
#
loop_
_entity.id
_entity.type
_entity.pdbx_description
1 polymer 'Woronin body major protein'
2 water water
#
_entity_poly.entity_id   1
_entity_poly.type   'polypeptide(L)'
_entity_poly.pdbx_seq_one_letter_code
;MGYYDEDGHYHSFRHGIHKLADKIVHPSGHHHHHHDHIDVDIRETVTGPRPRPGDSGDSYLPNTVTIPCHHIRLGDFLML
QGRPCQVIRISTSPATGQYRYLGVDLFTKQLHEESSFISNPAPSVVVQTMLGPVFKQYRVLDMHDGRVVAMTETGDVKQG
LAVIDQSNLWSRLHNAFESGRGSVRVLVLNDSGRELAVDMKVIHGSRL
;
_entity_poly.pdbx_strand_id   A
#
# COMPACT_ATOMS: atom_id res chain seq x y z
N GLY A 2 3.06 -15.02 2.67
CA GLY A 2 3.67 -16.31 2.38
C GLY A 2 2.66 -17.45 2.28
N TYR A 3 3.14 -18.69 2.38
CA TYR A 3 2.27 -19.84 2.29
C TYR A 3 2.87 -21.01 3.05
N TYR A 4 2.03 -22.01 3.31
CA TYR A 4 2.43 -23.29 3.86
C TYR A 4 2.48 -24.33 2.76
N ASP A 5 3.51 -25.17 2.77
CA ASP A 5 3.53 -26.30 1.86
C ASP A 5 2.73 -27.46 2.46
N GLU A 6 2.69 -28.58 1.74
CA GLU A 6 1.91 -29.73 2.19
C GLU A 6 2.49 -30.39 3.43
N ASP A 7 3.71 -30.04 3.81
CA ASP A 7 4.36 -30.64 4.97
C ASP A 7 4.31 -29.75 6.21
N GLY A 8 3.72 -28.56 6.10
CA GLY A 8 3.56 -27.67 7.23
C GLY A 8 4.60 -26.55 7.34
N HIS A 9 5.54 -26.48 6.40
CA HIS A 9 6.61 -25.47 6.46
C HIS A 9 6.14 -24.17 5.84
N TYR A 10 6.41 -23.06 6.53
CA TYR A 10 6.08 -21.74 6.03
C TYR A 10 7.15 -21.26 5.04
N HIS A 11 6.71 -20.58 3.99
CA HIS A 11 7.60 -20.02 2.99
C HIS A 11 7.19 -18.58 2.76
N SER A 12 8.15 -17.66 2.74
CA SER A 12 7.89 -16.23 2.60
C SER A 12 8.42 -15.73 1.26
N PHE A 13 7.63 -14.88 0.60
CA PHE A 13 8.06 -14.24 -0.64
C PHE A 13 8.99 -13.05 -0.39
N ARG A 14 9.37 -12.79 0.86
CA ARG A 14 10.42 -11.83 1.15
C ARG A 14 11.80 -12.41 0.91
N HIS A 15 11.89 -13.68 0.51
CA HIS A 15 13.16 -14.33 0.22
C HIS A 15 13.48 -14.23 -1.26
N GLY A 16 14.71 -13.84 -1.58
CA GLY A 16 15.15 -13.73 -2.96
C GLY A 16 15.65 -15.03 -3.54
N ILE A 17 16.70 -14.96 -4.36
CA ILE A 17 17.28 -16.15 -4.98
C ILE A 17 18.11 -16.87 -3.94
N HIS A 18 17.78 -18.14 -3.69
CA HIS A 18 18.47 -18.95 -2.68
C HIS A 18 19.92 -19.20 -3.06
N GLY A 48 7.89 -14.44 12.36
CA GLY A 48 7.92 -14.07 10.96
C GLY A 48 9.22 -14.43 10.27
N PRO A 49 9.34 -14.09 9.00
CA PRO A 49 10.55 -14.44 8.24
C PRO A 49 11.71 -13.50 8.51
N ARG A 50 12.91 -14.08 8.47
CA ARG A 50 14.15 -13.37 8.71
C ARG A 50 15.03 -13.41 7.46
N PRO A 51 15.87 -12.40 7.26
CA PRO A 51 16.70 -12.34 6.05
C PRO A 51 17.65 -13.52 5.94
N ARG A 52 17.69 -14.12 4.75
CA ARG A 52 18.63 -15.18 4.40
C ARG A 52 19.57 -14.69 3.29
N PRO A 53 20.67 -15.39 3.05
CA PRO A 53 21.52 -15.05 1.91
C PRO A 53 20.72 -14.96 0.61
N GLY A 54 20.98 -13.90 -0.16
CA GLY A 54 20.24 -13.63 -1.36
C GLY A 54 19.04 -12.72 -1.18
N ASP A 55 18.67 -12.41 0.06
CA ASP A 55 17.53 -11.55 0.31
C ASP A 55 17.93 -10.08 0.18
N SER A 56 16.95 -9.25 -0.13
CA SER A 56 17.10 -7.80 -0.07
C SER A 56 16.56 -7.29 1.26
N GLY A 57 17.36 -6.50 1.96
CA GLY A 57 16.86 -5.81 3.14
C GLY A 57 15.69 -4.90 2.84
N ASP A 58 15.55 -4.48 1.58
CA ASP A 58 14.44 -3.62 1.19
C ASP A 58 13.10 -4.32 1.35
N SER A 59 13.09 -5.64 1.23
CA SER A 59 11.86 -6.42 1.27
C SER A 59 11.29 -6.60 2.67
N TYR A 60 11.96 -6.08 3.70
CA TYR A 60 11.49 -6.22 5.07
C TYR A 60 11.07 -4.88 5.69
N LEU A 61 10.74 -3.90 4.85
CA LEU A 61 10.24 -2.63 5.37
C LEU A 61 8.98 -2.86 6.20
N PRO A 62 8.81 -2.15 7.32
CA PRO A 62 7.60 -2.33 8.12
C PRO A 62 6.37 -1.81 7.41
N ASN A 63 5.23 -2.40 7.78
CA ASN A 63 3.92 -1.99 7.26
C ASN A 63 3.86 -2.11 5.74
N THR A 64 4.48 -3.15 5.21
CA THR A 64 4.43 -3.46 3.79
C THR A 64 4.06 -4.92 3.59
N VAL A 65 3.37 -5.19 2.48
CA VAL A 65 3.00 -6.54 2.10
C VAL A 65 3.57 -6.82 0.72
N THR A 66 3.93 -8.08 0.47
CA THR A 66 4.38 -8.50 -0.84
C THR A 66 3.19 -8.68 -1.76
N ILE A 67 3.32 -8.19 -2.99
CA ILE A 67 2.27 -8.26 -3.99
C ILE A 67 2.85 -8.89 -5.25
N PRO A 68 2.30 -9.99 -5.75
CA PRO A 68 2.79 -10.52 -7.02
C PRO A 68 2.51 -9.54 -8.15
N CYS A 69 3.47 -9.44 -9.08
CA CYS A 69 3.41 -8.39 -10.09
C CYS A 69 2.18 -8.54 -10.99
N HIS A 70 1.71 -9.77 -11.22
CA HIS A 70 0.56 -9.94 -12.12
C HIS A 70 -0.75 -9.43 -11.53
N HIS A 71 -0.78 -9.14 -10.23
CA HIS A 71 -1.97 -8.55 -9.60
C HIS A 71 -1.90 -7.04 -9.51
N ILE A 72 -0.90 -6.40 -10.13
CA ILE A 72 -0.69 -4.96 -10.03
C ILE A 72 -1.24 -4.30 -11.28
N ARG A 73 -2.03 -3.24 -11.09
CA ARG A 73 -2.65 -2.50 -12.18
C ARG A 73 -2.32 -1.02 -12.02
N LEU A 74 -2.49 -0.27 -13.11
CA LEU A 74 -2.33 1.17 -13.07
C LEU A 74 -3.25 1.78 -12.02
N GLY A 75 -2.73 2.74 -11.27
CA GLY A 75 -3.46 3.37 -10.19
C GLY A 75 -3.29 2.70 -8.84
N ASP A 76 -2.77 1.47 -8.79
CA ASP A 76 -2.53 0.81 -7.53
C ASP A 76 -1.51 1.57 -6.69
N PHE A 77 -1.54 1.33 -5.39
CA PHE A 77 -0.59 1.91 -4.45
C PHE A 77 0.54 0.93 -4.20
N LEU A 78 1.77 1.37 -4.40
CA LEU A 78 2.95 0.54 -4.22
C LEU A 78 4.02 1.33 -3.47
N MET A 79 4.91 0.60 -2.81
CA MET A 79 6.17 1.16 -2.33
C MET A 79 7.15 1.20 -3.49
N LEU A 80 7.52 2.40 -3.92
CA LEU A 80 8.56 2.61 -4.92
C LEU A 80 9.70 3.36 -4.26
N GLN A 81 10.90 2.77 -4.27
CA GLN A 81 12.07 3.35 -3.62
C GLN A 81 11.77 3.70 -2.17
N GLY A 82 11.02 2.83 -1.50
CA GLY A 82 10.67 3.04 -0.11
C GLY A 82 9.62 4.11 0.13
N ARG A 83 8.90 4.53 -0.92
CA ARG A 83 7.94 5.61 -0.78
C ARG A 83 6.56 5.17 -1.27
N PRO A 84 5.49 5.58 -0.58
CA PRO A 84 4.14 5.19 -1.01
C PRO A 84 3.75 5.98 -2.25
N CYS A 85 3.48 5.27 -3.35
CA CYS A 85 3.26 5.90 -4.64
C CYS A 85 2.02 5.34 -5.31
N GLN A 86 1.43 6.16 -6.17
CA GLN A 86 0.39 5.74 -7.11
C GLN A 86 1.04 5.37 -8.44
N VAL A 87 0.81 4.13 -8.90
CA VAL A 87 1.44 3.66 -10.12
C VAL A 87 0.82 4.34 -11.33
N ILE A 88 1.67 4.91 -12.19
CA ILE A 88 1.21 5.58 -13.40
C ILE A 88 1.75 4.95 -14.69
N ARG A 89 2.77 4.09 -14.61
CA ARG A 89 3.25 3.36 -15.77
C ARG A 89 3.80 2.02 -15.32
N ILE A 90 3.47 0.97 -16.06
CA ILE A 90 4.04 -0.36 -15.89
C ILE A 90 4.69 -0.75 -17.21
N SER A 91 5.96 -1.16 -17.13
CA SER A 91 6.71 -1.54 -18.32
C SER A 91 7.67 -2.65 -17.92
N THR A 92 8.43 -3.13 -18.90
CA THR A 92 9.41 -4.19 -18.69
C THR A 92 10.79 -3.65 -18.96
N SER A 93 11.73 -3.93 -18.07
CA SER A 93 13.11 -3.50 -18.25
C SER A 93 13.78 -4.34 -19.32
N PRO A 94 14.34 -3.74 -20.38
CA PRO A 94 15.04 -4.56 -21.37
C PRO A 94 16.31 -5.19 -20.81
N ALA A 95 16.95 -4.54 -19.84
CA ALA A 95 18.18 -5.07 -19.28
C ALA A 95 17.94 -6.39 -18.55
N THR A 96 16.87 -6.44 -17.74
CA THR A 96 16.61 -7.56 -16.86
C THR A 96 15.37 -8.36 -17.20
N GLY A 97 14.47 -7.84 -18.04
CA GLY A 97 13.23 -8.51 -18.33
C GLY A 97 12.18 -8.46 -17.24
N GLN A 98 12.45 -7.75 -16.14
CA GLN A 98 11.50 -7.63 -15.05
C GLN A 98 10.63 -6.39 -15.21
N TYR A 99 9.51 -6.39 -14.48
CA TYR A 99 8.58 -5.28 -14.53
C TYR A 99 9.20 -4.05 -13.87
N ARG A 100 8.92 -2.89 -14.46
CA ARG A 100 9.36 -1.60 -13.93
C ARG A 100 8.14 -0.71 -13.71
N TYR A 101 8.08 -0.05 -12.55
CA TYR A 101 6.92 0.72 -12.14
C TYR A 101 7.30 2.17 -11.97
N LEU A 102 6.58 3.06 -12.66
CA LEU A 102 6.67 4.50 -12.45
C LEU A 102 5.51 4.94 -11.58
N GLY A 103 5.79 5.77 -10.58
CA GLY A 103 4.73 6.18 -9.67
C GLY A 103 4.92 7.60 -9.17
N VAL A 104 3.86 8.12 -8.57
CA VAL A 104 3.86 9.46 -7.99
C VAL A 104 3.74 9.30 -6.48
N ASP A 105 4.70 9.86 -5.76
CA ASP A 105 4.67 9.88 -4.30
C ASP A 105 3.36 10.49 -3.81
N LEU A 106 2.67 9.78 -2.92
CA LEU A 106 1.39 10.27 -2.43
C LEU A 106 1.54 11.48 -1.51
N PHE A 107 2.71 11.65 -0.89
CA PHE A 107 2.95 12.77 0.02
C PHE A 107 3.68 13.93 -0.64
N THR A 108 4.76 13.65 -1.36
CA THR A 108 5.59 14.70 -1.96
C THR A 108 5.25 14.99 -3.41
N LYS A 109 4.47 14.13 -4.07
CA LYS A 109 4.09 14.28 -5.48
C LYS A 109 5.28 14.16 -6.42
N GLN A 110 6.41 13.66 -5.93
CA GLN A 110 7.58 13.41 -6.76
C GLN A 110 7.43 12.08 -7.50
N LEU A 111 8.11 11.99 -8.64
CA LEU A 111 8.13 10.75 -9.41
C LEU A 111 9.15 9.78 -8.82
N HIS A 112 8.77 8.51 -8.74
CA HIS A 112 9.66 7.46 -8.28
C HIS A 112 9.58 6.26 -9.22
N GLU A 113 10.67 5.49 -9.29
CA GLU A 113 10.76 4.36 -10.19
C GLU A 113 11.43 3.19 -9.49
N GLU A 114 10.87 2.00 -9.66
CA GLU A 114 11.44 0.80 -9.07
C GLU A 114 11.07 -0.40 -9.91
N SER A 115 11.99 -1.36 -10.00
CA SER A 115 11.78 -2.64 -10.66
C SER A 115 11.36 -3.68 -9.63
N SER A 116 10.70 -4.73 -10.12
CA SER A 116 10.31 -5.84 -9.27
C SER A 116 11.54 -6.58 -8.76
N PHE A 117 11.36 -7.35 -7.70
CA PHE A 117 12.41 -8.25 -7.24
C PHE A 117 11.89 -9.67 -7.34
N ILE A 118 12.79 -10.58 -7.71
CA ILE A 118 12.42 -11.96 -7.97
C ILE A 118 12.51 -12.75 -6.67
N SER A 119 11.38 -13.31 -6.23
CA SER A 119 11.32 -14.14 -5.05
C SER A 119 11.31 -15.61 -5.44
N ASN A 120 12.17 -16.40 -4.81
CA ASN A 120 12.27 -17.83 -5.07
C ASN A 120 12.28 -18.56 -3.72
N PRO A 121 11.12 -18.64 -3.05
CA PRO A 121 11.11 -19.19 -1.69
C PRO A 121 11.28 -20.70 -1.63
N ALA A 122 10.98 -21.41 -2.71
CA ALA A 122 11.01 -22.86 -2.72
C ALA A 122 11.32 -23.32 -4.13
N PRO A 123 11.76 -24.57 -4.30
CA PRO A 123 12.02 -25.08 -5.65
C PRO A 123 10.83 -24.89 -6.58
N SER A 124 11.09 -24.29 -7.74
CA SER A 124 10.14 -24.06 -8.83
C SER A 124 9.09 -23.02 -8.50
N VAL A 125 9.19 -22.34 -7.36
CA VAL A 125 8.31 -21.22 -7.03
C VAL A 125 9.10 -19.94 -7.24
N VAL A 126 8.82 -19.23 -8.33
CA VAL A 126 9.53 -18.03 -8.73
C VAL A 126 8.49 -16.97 -9.06
N VAL A 127 8.46 -15.90 -8.27
CA VAL A 127 7.43 -14.86 -8.41
C VAL A 127 8.11 -13.49 -8.47
N GLN A 128 7.76 -12.71 -9.49
CA GLN A 128 8.10 -11.30 -9.51
C GLN A 128 7.16 -10.57 -8.55
N THR A 129 7.73 -9.84 -7.60
CA THR A 129 6.96 -9.25 -6.51
C THR A 129 7.30 -7.77 -6.36
N MET A 130 6.39 -7.06 -5.71
CA MET A 130 6.56 -5.67 -5.37
C MET A 130 6.14 -5.53 -3.91
N LEU A 131 6.40 -4.37 -3.30
CA LEU A 131 5.87 -4.09 -1.97
C LEU A 131 4.73 -3.09 -2.04
N GLY A 132 3.68 -3.33 -1.26
CA GLY A 132 2.58 -2.39 -1.14
C GLY A 132 2.35 -1.98 0.30
N PRO A 133 1.76 -0.81 0.53
CA PRO A 133 1.55 -0.33 1.90
C PRO A 133 0.37 -1.02 2.57
N VAL A 134 0.39 -0.97 3.91
CA VAL A 134 -0.73 -1.43 4.73
C VAL A 134 -1.54 -0.22 5.14
N PHE A 135 -2.85 -0.26 4.89
CA PHE A 135 -3.73 0.85 5.22
C PHE A 135 -4.40 0.62 6.56
N LYS A 136 -4.74 1.72 7.23
CA LYS A 136 -5.57 1.70 8.42
C LYS A 136 -6.91 2.33 8.11
N GLN A 137 -7.98 1.71 8.64
CA GLN A 137 -9.35 2.19 8.45
C GLN A 137 -9.79 2.98 9.68
N TYR A 138 -10.23 4.22 9.47
CA TYR A 138 -10.77 5.04 10.54
C TYR A 138 -12.19 5.47 10.21
N ARG A 139 -13.01 5.58 11.24
CA ARG A 139 -14.33 6.17 11.11
C ARG A 139 -14.19 7.69 10.97
N VAL A 140 -15.15 8.31 10.29
CA VAL A 140 -15.15 9.76 10.07
C VAL A 140 -16.20 10.38 10.98
N LEU A 141 -15.77 11.30 11.85
CA LEU A 141 -16.67 12.00 12.75
C LEU A 141 -17.08 13.37 12.25
N ASP A 142 -16.22 14.02 11.45
CA ASP A 142 -16.47 15.39 11.01
C ASP A 142 -15.58 15.68 9.82
N MET A 143 -16.07 16.51 8.91
CA MET A 143 -15.32 16.92 7.71
C MET A 143 -15.47 18.43 7.55
N HIS A 144 -14.41 19.18 7.83
CA HIS A 144 -14.55 20.63 7.77
C HIS A 144 -13.18 21.26 7.52
N ASP A 145 -13.16 22.31 6.70
CA ASP A 145 -11.94 23.02 6.33
C ASP A 145 -10.94 22.10 5.65
N GLY A 146 -11.44 21.26 4.74
CA GLY A 146 -10.58 20.38 3.96
C GLY A 146 -9.97 19.23 4.71
N ARG A 147 -10.28 19.06 6.00
CA ARG A 147 -9.71 17.99 6.81
C ARG A 147 -10.83 17.22 7.50
N VAL A 148 -10.51 16.02 7.96
CA VAL A 148 -11.48 15.19 8.65
C VAL A 148 -11.05 14.98 10.09
N VAL A 149 -12.02 14.80 10.96
CA VAL A 149 -11.80 14.24 12.29
C VAL A 149 -12.11 12.76 12.20
N ALA A 150 -11.15 11.91 12.53
CA ALA A 150 -11.30 10.48 12.39
C ALA A 150 -11.18 9.80 13.75
N MET A 151 -11.71 8.58 13.82
CA MET A 151 -11.64 7.72 15.01
C MET A 151 -11.02 6.38 14.64
N THR A 152 -10.03 5.95 15.41
CA THR A 152 -9.47 4.62 15.21
C THR A 152 -10.42 3.57 15.78
N GLU A 153 -10.12 2.30 15.48
CA GLU A 153 -10.90 1.18 15.99
C GLU A 153 -11.02 1.22 17.51
N THR A 154 -10.03 1.76 18.19
CA THR A 154 -10.00 1.78 19.65
C THR A 154 -10.44 3.10 20.25
N GLY A 155 -11.01 4.00 19.45
CA GLY A 155 -11.54 5.25 19.95
C GLY A 155 -10.58 6.43 19.95
N ASP A 156 -9.35 6.26 19.46
CA ASP A 156 -8.41 7.36 19.38
C ASP A 156 -8.89 8.36 18.34
N VAL A 157 -9.02 9.62 18.73
CA VAL A 157 -9.57 10.66 17.88
C VAL A 157 -8.42 11.34 17.13
N LYS A 158 -8.50 11.33 15.80
CA LYS A 158 -7.50 11.96 14.94
C LYS A 158 -8.05 13.29 14.45
N GLN A 159 -7.51 14.38 14.97
CA GLN A 159 -7.94 15.72 14.61
C GLN A 159 -7.15 16.22 13.42
N GLY A 160 -7.82 16.93 12.52
CA GLY A 160 -7.14 17.58 11.41
C GLY A 160 -6.45 16.64 10.45
N LEU A 161 -7.03 15.47 10.21
CA LEU A 161 -6.47 14.53 9.25
C LEU A 161 -6.63 15.04 7.83
N ALA A 162 -5.53 15.15 7.10
CA ALA A 162 -5.58 15.64 5.73
C ALA A 162 -6.14 14.58 4.79
N VAL A 163 -6.83 15.05 3.76
CA VAL A 163 -7.37 14.21 2.70
C VAL A 163 -6.58 14.49 1.44
N ILE A 164 -6.06 13.42 0.81
CA ILE A 164 -5.27 13.61 -0.40
C ILE A 164 -6.13 14.26 -1.47
N ASP A 165 -5.52 15.17 -2.22
CA ASP A 165 -6.24 15.80 -3.33
C ASP A 165 -6.01 14.91 -4.55
N GLN A 166 -6.83 13.87 -4.66
CA GLN A 166 -6.62 12.86 -5.69
C GLN A 166 -7.93 12.14 -5.96
N SER A 167 -8.26 11.97 -7.25
CA SER A 167 -9.42 11.19 -7.68
C SER A 167 -10.72 11.68 -7.06
N ASN A 168 -10.82 12.99 -6.84
CA ASN A 168 -12.04 13.61 -6.30
C ASN A 168 -12.42 13.00 -4.95
N LEU A 169 -11.42 12.63 -4.15
CA LEU A 169 -11.69 11.89 -2.93
C LEU A 169 -12.52 12.71 -1.95
N TRP A 170 -12.17 13.99 -1.76
CA TRP A 170 -12.89 14.81 -0.78
C TRP A 170 -14.38 14.89 -1.12
N SER A 171 -14.71 15.08 -2.39
CA SER A 171 -16.10 15.21 -2.78
C SER A 171 -16.87 13.91 -2.57
N ARG A 172 -16.28 12.79 -2.99
CA ARG A 172 -16.94 11.50 -2.80
C ARG A 172 -17.03 11.14 -1.32
N LEU A 173 -15.96 11.42 -0.57
CA LEU A 173 -15.99 11.23 0.88
C LEU A 173 -17.08 12.06 1.52
N HIS A 174 -17.21 13.31 1.11
CA HIS A 174 -18.17 14.22 1.75
C HIS A 174 -19.60 13.87 1.37
N ASN A 175 -19.82 13.45 0.12
CA ASN A 175 -21.16 12.99 -0.29
C ASN A 175 -21.58 11.78 0.53
N ALA A 176 -20.72 10.76 0.59
CA ALA A 176 -21.04 9.57 1.37
C ALA A 176 -21.19 9.90 2.85
N PHE A 177 -20.43 10.89 3.35
CA PHE A 177 -20.55 11.28 4.74
C PHE A 177 -21.93 11.90 5.00
N GLU A 178 -22.36 12.84 4.16
CA GLU A 178 -23.62 13.53 4.40
C GLU A 178 -24.82 12.59 4.34
N SER A 179 -24.72 11.48 3.60
CA SER A 179 -25.84 10.56 3.45
C SER A 179 -25.79 9.38 4.41
N GLY A 180 -24.68 9.18 5.11
CA GLY A 180 -24.54 8.09 6.06
C GLY A 180 -23.17 8.06 6.69
N ARG A 181 -23.05 8.56 7.92
CA ARG A 181 -21.73 8.86 8.47
C ARG A 181 -21.09 7.65 9.16
N GLY A 182 -21.87 6.85 9.87
CA GLY A 182 -21.33 5.63 10.46
C GLY A 182 -20.87 4.61 9.43
N SER A 183 -21.24 4.79 8.16
CA SER A 183 -20.88 3.87 7.10
C SER A 183 -19.57 4.23 6.41
N VAL A 184 -19.05 5.44 6.62
CA VAL A 184 -17.92 5.97 5.86
C VAL A 184 -16.62 5.69 6.61
N ARG A 185 -15.61 5.21 5.89
CA ARG A 185 -14.27 5.00 6.43
C ARG A 185 -13.24 5.63 5.51
N VAL A 186 -12.18 6.19 6.10
CA VAL A 186 -11.03 6.66 5.34
C VAL A 186 -9.91 5.63 5.47
N LEU A 187 -9.18 5.43 4.39
CA LEU A 187 -7.99 4.59 4.37
C LEU A 187 -6.78 5.50 4.55
N VAL A 188 -5.98 5.25 5.59
CA VAL A 188 -4.97 6.20 6.04
C VAL A 188 -3.60 5.56 5.96
N LEU A 189 -2.63 6.30 5.43
CA LEU A 189 -1.23 5.93 5.40
C LEU A 189 -0.44 6.85 6.32
N ASN A 190 0.70 6.34 6.79
CA ASN A 190 1.56 7.08 7.71
C ASN A 190 2.95 7.19 7.12
N ASP A 191 3.45 8.42 7.00
CA ASP A 191 4.79 8.69 6.47
C ASP A 191 5.63 9.24 7.62
N SER A 192 6.18 8.32 8.42
CA SER A 192 7.02 8.67 9.56
C SER A 192 6.39 9.74 10.43
N GLY A 193 5.13 9.51 10.81
CA GLY A 193 4.40 10.40 11.67
C GLY A 193 3.38 11.29 10.98
N ARG A 194 3.57 11.57 9.69
CA ARG A 194 2.63 12.39 8.94
C ARG A 194 1.57 11.49 8.34
N GLU A 195 0.31 11.74 8.68
CA GLU A 195 -0.80 10.88 8.30
C GLU A 195 -1.59 11.50 7.17
N LEU A 196 -2.12 10.65 6.30
CA LEU A 196 -2.81 11.08 5.09
C LEU A 196 -3.94 10.12 4.77
N ALA A 197 -5.15 10.65 4.61
CA ALA A 197 -6.27 9.84 4.11
C ALA A 197 -6.18 9.78 2.60
N VAL A 198 -5.93 8.59 2.06
CA VAL A 198 -5.66 8.44 0.63
C VAL A 198 -6.75 7.72 -0.12
N ASP A 199 -7.72 7.12 0.57
CA ASP A 199 -8.87 6.49 -0.08
C ASP A 199 -10.01 6.43 0.93
N MET A 200 -11.14 5.92 0.48
CA MET A 200 -12.32 5.75 1.32
C MET A 200 -12.94 4.38 1.08
N LYS A 201 -13.81 3.99 2.01
CA LYS A 201 -14.62 2.78 1.89
C LYS A 201 -15.96 3.04 2.56
N VAL A 202 -17.01 2.49 1.98
CA VAL A 202 -18.35 2.55 2.57
C VAL A 202 -18.72 1.12 2.98
N ILE A 203 -18.83 0.90 4.28
CA ILE A 203 -19.16 -0.43 4.80
C ILE A 203 -20.67 -0.64 4.71
N HIS A 204 -21.07 -1.76 4.13
CA HIS A 204 -22.48 -2.09 3.95
C HIS A 204 -22.79 -3.36 4.73
N GLY A 205 -24.01 -3.86 4.55
CA GLY A 205 -24.45 -5.07 5.22
C GLY A 205 -24.65 -4.90 6.72
#